data_4OU1
#
_entry.id   4OU1
#
_cell.length_a   61.730
_cell.length_b   61.730
_cell.length_c   121.820
_cell.angle_alpha   90.00
_cell.angle_beta   90.00
_cell.angle_gamma   120.00
#
_symmetry.space_group_name_H-M   'P 31 2 1'
#
loop_
_entity.id
_entity.type
_entity.pdbx_description
1 polymer 'Retro-aldolase, design RA114'
2 non-polymer (1S,2S)-1-(6-methoxynaphthalen-2-yl)propane-1,2-diol
3 non-polymer 'BENZOIC ACID'
4 non-polymer 'PHOSPHATE ION'
5 water water
#
_entity_poly.entity_id   1
_entity_poly.type   'polypeptide(L)'
_entity_poly.pdbx_seq_one_letter_code
;MPRYLKGWLEDVVQLSLRRPSVRASRQRPIISLNERILEFNKRNITAIIAEYKRKDPSGLDVERDPIEYAKFMERYAVGL
FISTEEKYFNGSYETLRKIASSVSIPILMYDFIVKESQIDDAYNLGADTVALIVKILTERELESLLEYARSYGMEPLIII
NDENDLDIALRIGARFIGIAARDWETGEINKENQRKLISMIPSNVVKVAKEGISERNEIEELRKLGVNAFLIGSSLMRNP
EKIKELIEGSLEHHHHHH
;
_entity_poly.pdbx_strand_id   A
#
# COMPACT_ATOMS: atom_id res chain seq x y z
N PRO A 2 -2.91 6.31 -19.16
CA PRO A 2 -3.37 6.98 -17.93
C PRO A 2 -4.33 8.12 -18.23
N ARG A 3 -4.68 8.88 -17.20
CA ARG A 3 -5.58 10.01 -17.33
C ARG A 3 -4.84 11.28 -17.71
N TYR A 4 -5.61 12.35 -17.91
CA TYR A 4 -5.03 13.68 -17.98
C TYR A 4 -4.67 14.09 -16.56
N LEU A 5 -3.39 14.33 -16.34
CA LEU A 5 -2.88 14.63 -15.02
C LEU A 5 -2.14 15.95 -15.04
N LYS A 6 -1.84 16.43 -13.84
CA LYS A 6 -1.11 17.68 -13.69
C LYS A 6 -0.10 17.49 -12.56
N GLY A 7 0.83 18.42 -12.46
CA GLY A 7 1.77 18.47 -11.36
C GLY A 7 2.61 17.22 -11.17
N TRP A 8 2.86 16.87 -9.92
CA TRP A 8 3.80 15.80 -9.62
C TRP A 8 3.28 14.45 -10.08
N LEU A 9 1.97 14.29 -10.16
CA LEU A 9 1.39 13.04 -10.63
C LEU A 9 1.67 12.83 -12.11
N GLU A 10 1.54 13.90 -12.88
CA GLU A 10 1.83 13.84 -14.30
C GLU A 10 3.29 13.43 -14.45
N ASP A 11 4.14 14.01 -13.62
CA ASP A 11 5.57 13.76 -13.70
C ASP A 11 5.92 12.30 -13.40
N VAL A 12 5.35 11.76 -12.34
N VAL A 12 5.41 11.75 -12.30
CA VAL A 12 5.70 10.41 -11.91
CA VAL A 12 5.78 10.37 -11.96
C VAL A 12 5.15 9.34 -12.86
C VAL A 12 5.27 9.40 -13.04
N VAL A 13 4.08 9.64 -13.57
CA VAL A 13 3.54 8.73 -14.58
C VAL A 13 4.48 8.66 -15.78
N GLN A 14 5.04 9.80 -16.19
CA GLN A 14 6.06 9.81 -17.22
C GLN A 14 7.31 9.00 -16.86
N LEU A 15 7.74 9.10 -15.61
CA LEU A 15 8.89 8.31 -15.16
C LEU A 15 8.55 6.84 -15.19
N SER A 16 7.36 6.50 -14.75
CA SER A 16 6.92 5.10 -14.80
C SER A 16 6.89 4.52 -16.20
N LEU A 17 6.43 5.29 -17.17
CA LEU A 17 6.39 4.82 -18.54
C LEU A 17 7.78 4.49 -19.11
N ARG A 18 8.82 5.17 -18.65
CA ARG A 18 10.17 4.97 -19.23
C ARG A 18 11.00 3.96 -18.47
N ARG A 19 10.50 3.49 -17.32
CA ARG A 19 11.31 2.70 -16.42
C ARG A 19 11.56 1.33 -16.98
N PRO A 20 12.84 0.89 -16.95
CA PRO A 20 13.11 -0.44 -17.48
C PRO A 20 12.44 -1.58 -16.71
N SER A 21 12.05 -2.59 -17.47
CA SER A 21 11.53 -3.81 -16.92
C SER A 21 12.64 -4.60 -16.19
N VAL A 22 12.21 -5.45 -15.27
CA VAL A 22 13.03 -6.42 -14.57
C VAL A 22 12.91 -7.79 -15.28
N ARG A 23 14.04 -8.44 -15.51
CA ARG A 23 14.06 -9.75 -16.16
C ARG A 23 14.70 -10.71 -15.19
N ALA A 24 13.92 -11.15 -14.21
CA ALA A 24 14.41 -11.97 -13.12
C ALA A 24 13.28 -12.86 -12.66
N SER A 25 13.60 -13.86 -11.85
CA SER A 25 12.62 -14.84 -11.40
C SER A 25 12.50 -14.72 -9.92
N ARG A 26 11.28 -14.72 -9.41
CA ARG A 26 11.06 -14.58 -7.97
C ARG A 26 11.42 -15.90 -7.32
N GLN A 27 11.65 -15.90 -6.01
CA GLN A 27 12.11 -17.13 -5.38
C GLN A 27 11.28 -17.64 -4.21
N ARG A 28 10.07 -17.10 -4.03
CA ARG A 28 9.08 -17.74 -3.16
C ARG A 28 7.69 -17.43 -3.70
N PRO A 29 6.70 -18.32 -3.47
CA PRO A 29 5.35 -18.04 -3.95
C PRO A 29 4.73 -16.81 -3.28
N ILE A 30 3.66 -16.33 -3.91
CA ILE A 30 2.85 -15.25 -3.36
C ILE A 30 2.27 -15.63 -2.01
N ILE A 31 2.32 -14.70 -1.08
CA ILE A 31 1.57 -14.80 0.16
C ILE A 31 0.55 -13.66 0.16
N SER A 32 -0.74 -13.99 0.24
CA SER A 32 -1.81 -13.01 0.10
C SER A 32 -1.96 -12.06 1.28
N LEU A 33 -1.83 -10.75 1.03
CA LEU A 33 -1.96 -9.78 2.09
C LEU A 33 -3.42 -9.64 2.54
N ASN A 34 -4.34 -9.59 1.58
CA ASN A 34 -5.75 -9.38 1.95
C ASN A 34 -6.27 -10.56 2.75
N GLU A 35 -5.85 -11.77 2.38
CA GLU A 35 -6.26 -12.95 3.14
C GLU A 35 -5.64 -12.97 4.53
N ARG A 36 -4.39 -12.54 4.68
CA ARG A 36 -3.76 -12.51 5.97
C ARG A 36 -4.46 -11.49 6.87
N ILE A 37 -4.89 -10.37 6.32
CA ILE A 37 -5.68 -9.41 7.08
C ILE A 37 -6.97 -10.02 7.63
N LEU A 38 -7.69 -10.76 6.78
CA LEU A 38 -8.90 -11.38 7.27
C LEU A 38 -8.63 -12.42 8.36
N GLU A 39 -7.50 -13.11 8.26
CA GLU A 39 -7.08 -14.06 9.30
C GLU A 39 -6.82 -13.33 10.61
N PHE A 40 -6.10 -12.23 10.53
CA PHE A 40 -5.84 -11.41 11.70
C PHE A 40 -7.18 -10.95 12.29
N ASN A 41 -8.11 -10.52 11.44
CA ASN A 41 -9.40 -10.09 11.95
C ASN A 41 -10.09 -11.22 12.72
N LYS A 42 -10.06 -12.44 12.16
CA LYS A 42 -10.68 -13.60 12.81
C LYS A 42 -10.08 -13.86 14.18
N ARG A 43 -8.78 -13.59 14.31
CA ARG A 43 -8.05 -13.85 15.54
C ARG A 43 -8.07 -12.66 16.50
N ASN A 44 -8.73 -11.57 16.11
N ASN A 44 -8.76 -11.59 16.10
CA ASN A 44 -8.77 -10.35 16.92
CA ASN A 44 -8.81 -10.31 16.83
C ASN A 44 -7.38 -9.79 17.20
C ASN A 44 -7.43 -9.76 17.15
N ILE A 45 -6.53 -9.83 16.19
N ILE A 45 -6.55 -9.81 16.16
CA ILE A 45 -5.21 -9.20 16.24
CA ILE A 45 -5.22 -9.19 16.24
C ILE A 45 -5.23 -7.99 15.32
C ILE A 45 -5.20 -7.99 15.30
N THR A 46 -4.83 -6.83 15.81
CA THR A 46 -4.79 -5.63 15.01
C THR A 46 -3.82 -5.80 13.85
N ALA A 47 -4.31 -5.46 12.66
CA ALA A 47 -3.56 -5.66 11.42
C ALA A 47 -3.00 -4.33 10.93
N ILE A 48 -1.71 -4.15 11.13
N ILE A 48 -1.71 -4.15 11.13
CA ILE A 48 -0.99 -2.94 10.74
CA ILE A 48 -1.03 -2.94 10.69
C ILE A 48 -0.07 -3.24 9.56
C ILE A 48 -0.08 -3.25 9.55
N ILE A 49 -0.18 -2.41 8.50
CA ILE A 49 0.75 -2.45 7.39
C ILE A 49 1.77 -1.34 7.64
N ALA A 50 3.03 -1.69 7.85
CA ALA A 50 4.09 -0.70 8.05
C ALA A 50 4.62 -0.27 6.68
N GLU A 51 5.09 0.96 6.57
CA GLU A 51 5.69 1.45 5.34
C GLU A 51 7.19 1.58 5.46
N TYR A 52 7.91 1.07 4.46
CA TYR A 52 9.30 1.46 4.25
C TYR A 52 9.28 2.53 3.17
N LYS A 53 9.51 3.77 3.57
CA LYS A 53 9.30 4.94 2.72
C LYS A 53 10.28 6.00 3.16
N ARG A 54 11.22 6.33 2.27
CA ARG A 54 12.30 7.24 2.62
C ARG A 54 12.00 8.73 2.37
N LYS A 55 11.15 9.00 1.38
CA LYS A 55 10.74 10.34 1.05
C LYS A 55 9.33 10.28 0.53
N ASP A 56 8.65 11.42 0.54
CA ASP A 56 7.40 11.60 -0.18
C ASP A 56 7.20 13.09 -0.42
N PRO A 57 6.15 13.46 -1.14
CA PRO A 57 6.02 14.87 -1.53
C PRO A 57 5.76 15.85 -0.39
N SER A 58 5.56 15.36 0.83
CA SER A 58 5.48 16.24 1.98
C SER A 58 6.82 16.84 2.39
N GLY A 59 7.92 16.31 1.86
CA GLY A 59 9.24 16.73 2.28
C GLY A 59 9.87 15.74 3.25
N LEU A 60 9.17 14.68 3.58
CA LEU A 60 9.77 13.57 4.36
C LEU A 60 11.14 13.20 3.80
N ASP A 61 12.10 13.05 4.70
CA ASP A 61 13.43 12.61 4.35
C ASP A 61 13.95 11.79 5.52
N VAL A 62 14.05 10.49 5.31
CA VAL A 62 14.49 9.59 6.37
C VAL A 62 15.28 8.46 5.73
N GLU A 63 16.34 8.04 6.42
N GLU A 63 16.33 8.01 6.42
CA GLU A 63 17.16 6.91 6.01
CA GLU A 63 17.15 6.90 5.96
C GLU A 63 17.25 5.92 7.15
C GLU A 63 17.46 5.94 7.09
N ARG A 64 17.27 4.64 6.82
CA ARG A 64 17.58 3.58 7.78
C ARG A 64 17.80 2.29 7.02
N ASP A 65 18.48 1.35 7.68
CA ASP A 65 18.74 0.02 7.14
C ASP A 65 17.42 -0.68 6.81
N PRO A 66 17.18 -1.01 5.53
CA PRO A 66 15.89 -1.63 5.17
C PRO A 66 15.70 -3.04 5.72
N ILE A 67 16.77 -3.83 5.77
CA ILE A 67 16.63 -5.19 6.27
C ILE A 67 16.39 -5.23 7.77
N GLU A 68 17.10 -4.41 8.51
CA GLU A 68 16.89 -4.28 9.94
C GLU A 68 15.41 -3.90 10.22
N TYR A 69 14.90 -3.00 9.41
CA TYR A 69 13.53 -2.53 9.59
C TYR A 69 12.53 -3.63 9.24
N ALA A 70 12.73 -4.29 8.11
CA ALA A 70 11.84 -5.30 7.64
C ALA A 70 11.80 -6.48 8.61
N LYS A 71 12.96 -6.88 9.14
CA LYS A 71 13.01 -8.00 10.06
C LYS A 71 12.33 -7.69 11.37
N PHE A 72 12.44 -6.45 11.84
CA PHE A 72 11.70 -6.03 13.02
C PHE A 72 10.21 -6.08 12.72
N MET A 73 9.81 -5.55 11.56
CA MET A 73 8.38 -5.46 11.26
C MET A 73 7.77 -6.83 11.01
N GLU A 74 8.58 -7.79 10.57
CA GLU A 74 8.10 -9.15 10.33
C GLU A 74 7.47 -9.75 11.59
N ARG A 75 7.92 -9.28 12.76
N ARG A 75 7.90 -9.28 12.75
CA ARG A 75 7.41 -9.80 14.04
CA ARG A 75 7.38 -9.81 14.01
C ARG A 75 6.09 -9.18 14.50
C ARG A 75 6.00 -9.26 14.37
N TYR A 76 5.71 -8.03 13.91
CA TYR A 76 4.50 -7.31 14.35
C TYR A 76 3.46 -6.94 13.29
N ALA A 77 3.91 -6.62 12.09
CA ALA A 77 3.04 -6.10 11.05
C ALA A 77 2.37 -7.23 10.28
N VAL A 78 1.18 -6.96 9.74
CA VAL A 78 0.49 -7.90 8.87
C VAL A 78 1.14 -7.93 7.47
N GLY A 79 1.78 -6.83 7.10
CA GLY A 79 2.46 -6.73 5.85
C GLY A 79 3.32 -5.49 5.79
N LEU A 80 4.07 -5.33 4.70
N LEU A 80 4.10 -5.40 4.72
CA LEU A 80 5.04 -4.23 4.57
CA LEU A 80 4.98 -4.25 4.48
C LEU A 80 4.93 -3.57 3.19
C LEU A 80 4.65 -3.62 3.16
N PHE A 81 4.52 -2.31 3.21
CA PHE A 81 4.41 -1.46 2.04
C PHE A 81 5.85 -0.98 1.76
N ILE A 82 6.28 -1.09 0.51
N ILE A 82 6.26 -1.05 0.50
CA ILE A 82 7.59 -0.60 0.09
CA ILE A 82 7.57 -0.60 0.09
C ILE A 82 7.43 0.31 -1.12
C ILE A 82 7.44 0.31 -1.12
N SER A 83 7.86 1.57 -0.97
CA SER A 83 7.77 2.52 -2.06
C SER A 83 8.95 2.32 -3.00
N THR A 84 8.65 2.12 -4.26
CA THR A 84 9.70 1.94 -5.28
C THR A 84 9.82 3.08 -6.29
N GLU A 85 9.00 4.12 -6.17
CA GLU A 85 9.11 5.27 -7.05
C GLU A 85 10.37 6.04 -6.70
N GLU A 86 11.13 6.43 -7.71
CA GLU A 86 12.47 6.97 -7.49
C GLU A 86 12.56 8.47 -7.14
N LYS A 87 11.87 9.31 -7.89
CA LYS A 87 12.10 10.75 -7.82
C LYS A 87 11.48 11.39 -6.57
N TYR A 88 10.26 11.00 -6.24
CA TYR A 88 9.55 11.61 -5.12
C TYR A 88 9.58 10.78 -3.84
N PHE A 89 9.83 9.47 -3.97
CA PHE A 89 9.80 8.58 -2.81
C PHE A 89 11.15 7.99 -2.47
N ASN A 90 12.14 8.27 -3.32
CA ASN A 90 13.52 7.80 -3.11
C ASN A 90 13.57 6.28 -2.93
N GLY A 91 12.72 5.60 -3.68
CA GLY A 91 12.64 4.16 -3.65
C GLY A 91 13.47 3.50 -4.72
N SER A 92 13.51 2.18 -4.64
CA SER A 92 14.25 1.42 -5.63
C SER A 92 13.77 0.00 -5.71
N TYR A 93 13.81 -0.52 -6.94
CA TYR A 93 13.52 -1.91 -7.17
C TYR A 93 14.50 -2.79 -6.40
N GLU A 94 15.75 -2.35 -6.28
CA GLU A 94 16.77 -3.13 -5.59
C GLU A 94 16.44 -3.31 -4.12
N THR A 95 15.92 -2.27 -3.49
CA THR A 95 15.52 -2.40 -2.10
C THR A 95 14.33 -3.32 -1.91
N LEU A 96 13.36 -3.27 -2.82
N LEU A 96 13.37 -3.29 -2.83
CA LEU A 96 12.24 -4.21 -2.79
CA LEU A 96 12.23 -4.20 -2.75
C LEU A 96 12.75 -5.63 -2.87
C LEU A 96 12.70 -5.65 -2.91
N ARG A 97 13.58 -5.89 -3.88
CA ARG A 97 14.12 -7.23 -4.13
C ARG A 97 14.85 -7.77 -2.91
N LYS A 98 15.65 -6.92 -2.26
CA LYS A 98 16.39 -7.35 -1.06
C LYS A 98 15.46 -7.64 0.10
N ILE A 99 14.53 -6.75 0.38
CA ILE A 99 13.62 -6.98 1.49
C ILE A 99 12.78 -8.23 1.26
N ALA A 100 12.27 -8.42 0.05
CA ALA A 100 11.39 -9.55 -0.20
C ALA A 100 12.09 -10.89 0.05
N SER A 101 13.39 -10.95 -0.23
N SER A 101 13.40 -10.94 -0.23
CA SER A 101 14.15 -12.19 -0.03
CA SER A 101 14.19 -12.15 -0.04
C SER A 101 14.57 -12.41 1.42
C SER A 101 14.50 -12.43 1.43
N SER A 102 14.34 -11.41 2.28
CA SER A 102 14.78 -11.51 3.68
C SER A 102 13.67 -11.82 4.68
N VAL A 103 12.41 -11.57 4.32
CA VAL A 103 11.31 -11.77 5.26
C VAL A 103 10.18 -12.56 4.64
N SER A 104 9.30 -13.10 5.49
N SER A 104 9.31 -13.09 5.51
CA SER A 104 8.21 -13.97 5.04
CA SER A 104 8.22 -13.97 5.10
C SER A 104 6.84 -13.29 5.02
C SER A 104 6.84 -13.39 5.38
N ILE A 105 6.73 -12.08 5.57
CA ILE A 105 5.40 -11.43 5.62
C ILE A 105 5.07 -10.85 4.25
N PRO A 106 3.77 -10.67 3.97
CA PRO A 106 3.40 -10.15 2.64
C PRO A 106 3.95 -8.74 2.37
N ILE A 107 4.37 -8.52 1.13
N ILE A 107 4.42 -8.52 1.14
CA ILE A 107 4.93 -7.25 0.70
CA ILE A 107 4.98 -7.25 0.69
C ILE A 107 4.10 -6.62 -0.40
C ILE A 107 4.05 -6.60 -0.32
N LEU A 108 3.67 -5.39 -0.13
N LEU A 108 3.84 -5.29 -0.14
CA LEU A 108 3.01 -4.58 -1.12
CA LEU A 108 3.00 -4.48 -1.02
C LEU A 108 4.00 -3.63 -1.74
C LEU A 108 3.89 -3.48 -1.75
N MET A 109 4.08 -3.64 -3.06
CA MET A 109 4.90 -2.68 -3.82
C MET A 109 4.04 -1.44 -4.08
N TYR A 110 4.53 -0.29 -3.64
CA TYR A 110 3.87 0.99 -3.83
C TYR A 110 4.63 1.80 -4.85
N ASP A 111 3.97 2.04 -5.99
CA ASP A 111 4.52 2.83 -7.06
C ASP A 111 3.32 3.37 -7.82
N PHE A 112 3.58 3.89 -9.01
CA PHE A 112 2.59 4.52 -9.86
C PHE A 112 2.49 3.66 -11.12
N ILE A 113 1.63 2.66 -11.02
CA ILE A 113 1.54 1.60 -12.03
C ILE A 113 0.57 2.02 -13.10
N VAL A 114 1.07 2.07 -14.33
CA VAL A 114 0.31 2.47 -15.50
C VAL A 114 0.53 1.50 -16.65
N LYS A 115 1.40 0.50 -16.46
CA LYS A 115 1.71 -0.50 -17.51
C LYS A 115 1.88 -1.88 -16.88
N GLU A 116 1.54 -2.91 -17.64
CA GLU A 116 1.58 -4.27 -17.15
C GLU A 116 2.96 -4.73 -16.76
N SER A 117 4.00 -4.23 -17.43
CA SER A 117 5.36 -4.61 -17.08
C SER A 117 5.73 -4.22 -15.65
N GLN A 118 5.08 -3.21 -15.07
CA GLN A 118 5.35 -2.87 -13.69
C GLN A 118 4.76 -3.90 -12.76
N ILE A 119 3.67 -4.53 -13.19
CA ILE A 119 3.12 -5.63 -12.41
C ILE A 119 4.04 -6.84 -12.54
N ASP A 120 4.56 -7.09 -13.74
CA ASP A 120 5.53 -8.17 -13.91
C ASP A 120 6.71 -7.90 -13.00
N ASP A 121 7.14 -6.64 -12.94
CA ASP A 121 8.31 -6.26 -12.14
C ASP A 121 8.05 -6.61 -10.69
N ALA A 122 6.90 -6.18 -10.17
CA ALA A 122 6.55 -6.49 -8.79
C ALA A 122 6.61 -7.97 -8.53
N TYR A 123 6.04 -8.76 -9.44
CA TYR A 123 6.02 -10.20 -9.30
C TYR A 123 7.43 -10.76 -9.33
N ASN A 124 8.22 -10.34 -10.32
CA ASN A 124 9.57 -10.87 -10.50
C ASN A 124 10.52 -10.46 -9.38
N LEU A 125 10.25 -9.34 -8.71
CA LEU A 125 11.08 -8.84 -7.61
C LEU A 125 10.68 -9.49 -6.27
N GLY A 126 9.54 -10.18 -6.24
CA GLY A 126 9.12 -10.91 -5.05
C GLY A 126 7.97 -10.29 -4.27
N ALA A 127 7.37 -9.23 -4.79
CA ALA A 127 6.25 -8.60 -4.10
C ALA A 127 5.03 -9.52 -4.11
N ASP A 128 4.21 -9.43 -3.09
CA ASP A 128 2.98 -10.22 -3.04
C ASP A 128 1.75 -9.55 -3.61
N THR A 129 1.81 -8.22 -3.69
CA THR A 129 0.76 -7.46 -4.34
C THR A 129 1.28 -6.06 -4.66
N VAL A 130 0.42 -5.28 -5.29
CA VAL A 130 0.72 -3.93 -5.73
C VAL A 130 -0.43 -2.99 -5.37
N ALA A 131 -0.15 -1.71 -5.28
CA ALA A 131 -1.21 -0.73 -5.25
C ALA A 131 -1.54 -0.27 -6.65
N LEU A 132 -2.83 -0.01 -6.88
CA LEU A 132 -3.30 0.63 -8.09
C LEU A 132 -4.01 1.91 -7.63
N ILE A 133 -3.79 3.02 -8.32
CA ILE A 133 -4.22 4.34 -7.84
C ILE A 133 -5.28 4.85 -8.80
N VAL A 134 -6.49 5.01 -8.31
CA VAL A 134 -7.61 5.33 -9.19
C VAL A 134 -7.35 6.68 -9.86
N LYS A 135 -6.75 7.62 -9.16
N LYS A 135 -6.77 7.62 -9.15
CA LYS A 135 -6.55 8.96 -9.68
CA LYS A 135 -6.57 8.95 -9.70
C LYS A 135 -5.67 9.05 -10.93
C LYS A 135 -5.85 8.91 -11.05
N ILE A 136 -4.86 8.04 -11.20
CA ILE A 136 -4.00 8.06 -12.39
C ILE A 136 -4.46 7.18 -13.51
N LEU A 137 -5.52 6.40 -13.31
CA LEU A 137 -5.95 5.42 -14.30
C LEU A 137 -7.37 5.64 -14.74
N THR A 138 -7.69 5.19 -15.94
CA THR A 138 -9.08 5.17 -16.37
C THR A 138 -9.75 3.92 -15.82
N GLU A 139 -11.07 3.91 -15.85
CA GLU A 139 -11.89 2.75 -15.48
C GLU A 139 -11.42 1.50 -16.21
N ARG A 140 -11.18 1.65 -17.50
CA ARG A 140 -10.80 0.51 -18.33
C ARG A 140 -9.41 0.02 -17.94
N GLU A 141 -8.48 0.94 -17.72
CA GLU A 141 -7.13 0.55 -17.29
C GLU A 141 -7.15 -0.15 -15.93
N LEU A 142 -7.93 0.38 -14.99
CA LEU A 142 -8.06 -0.27 -13.69
C LEU A 142 -8.56 -1.70 -13.84
N GLU A 143 -9.59 -1.92 -14.66
CA GLU A 143 -10.12 -3.26 -14.81
C GLU A 143 -9.08 -4.18 -15.45
N SER A 144 -8.35 -3.66 -16.44
CA SER A 144 -7.32 -4.43 -17.12
C SER A 144 -6.20 -4.82 -16.16
N LEU A 145 -5.72 -3.86 -15.41
CA LEU A 145 -4.61 -4.13 -14.50
C LEU A 145 -5.01 -5.02 -13.31
N LEU A 146 -6.23 -4.87 -12.80
CA LEU A 146 -6.75 -5.76 -11.76
C LEU A 146 -6.71 -7.19 -12.26
N GLU A 147 -7.25 -7.42 -13.45
CA GLU A 147 -7.35 -8.76 -14.01
C GLU A 147 -5.94 -9.33 -14.26
N TYR A 148 -5.04 -8.50 -14.75
CA TYR A 148 -3.69 -8.94 -14.99
C TYR A 148 -3.00 -9.33 -13.70
N ALA A 149 -3.08 -8.48 -12.69
CA ALA A 149 -2.50 -8.81 -11.40
C ALA A 149 -3.06 -10.12 -10.86
N ARG A 150 -4.36 -10.32 -10.98
CA ARG A 150 -4.99 -11.51 -10.45
C ARG A 150 -4.51 -12.76 -11.21
N SER A 151 -4.09 -12.59 -12.45
CA SER A 151 -3.60 -13.74 -13.22
C SER A 151 -2.28 -14.25 -12.64
N TYR A 152 -1.60 -13.44 -11.82
CA TYR A 152 -0.40 -13.87 -11.08
C TYR A 152 -0.72 -14.31 -9.66
N GLY A 153 -1.99 -14.23 -9.27
CA GLY A 153 -2.40 -14.53 -7.92
C GLY A 153 -2.29 -13.35 -6.95
N MET A 154 -2.18 -12.12 -7.47
CA MET A 154 -2.12 -10.92 -6.63
C MET A 154 -3.46 -10.20 -6.63
N GLU A 155 -3.96 -9.85 -5.45
CA GLU A 155 -5.13 -9.00 -5.32
C GLU A 155 -4.64 -7.58 -4.99
N PRO A 156 -4.65 -6.66 -5.97
CA PRO A 156 -4.15 -5.31 -5.69
C PRO A 156 -4.94 -4.54 -4.65
N LEU A 157 -4.25 -3.61 -4.01
CA LEU A 157 -4.89 -2.63 -3.14
C LEU A 157 -5.27 -1.43 -4.02
N ILE A 158 -6.58 -1.19 -4.15
CA ILE A 158 -7.07 -0.06 -4.93
C ILE A 158 -7.15 1.18 -4.04
N ILE A 159 -6.39 2.21 -4.36
CA ILE A 159 -6.34 3.39 -3.53
C ILE A 159 -7.24 4.51 -4.02
N ILE A 160 -8.08 4.99 -3.11
CA ILE A 160 -9.03 6.08 -3.39
C ILE A 160 -8.79 7.23 -2.43
N ASN A 161 -9.08 8.47 -2.83
N ASN A 161 -9.12 8.44 -2.88
CA ASN A 161 -9.06 9.57 -1.87
CA ASN A 161 -8.95 9.63 -2.07
C ASN A 161 -10.16 10.62 -2.05
C ASN A 161 -10.26 10.43 -1.90
N ASP A 162 -11.15 10.33 -2.87
CA ASP A 162 -12.36 11.18 -2.91
C ASP A 162 -13.53 10.36 -3.43
N GLU A 163 -14.70 10.98 -3.45
CA GLU A 163 -15.91 10.26 -3.81
C GLU A 163 -15.92 9.88 -5.29
N ASN A 164 -15.35 10.71 -6.14
CA ASN A 164 -15.22 10.36 -7.54
C ASN A 164 -14.43 9.03 -7.68
N ASP A 165 -13.30 8.94 -7.00
CA ASP A 165 -12.51 7.69 -6.99
C ASP A 165 -13.34 6.53 -6.44
N LEU A 166 -14.05 6.75 -5.33
CA LEU A 166 -14.93 5.69 -4.79
C LEU A 166 -15.91 5.16 -5.82
N ASP A 167 -16.58 6.07 -6.52
CA ASP A 167 -17.58 5.61 -7.50
C ASP A 167 -16.94 4.66 -8.52
N ILE A 168 -15.76 5.00 -9.00
CA ILE A 168 -15.03 4.15 -9.94
C ILE A 168 -14.61 2.84 -9.28
N ALA A 169 -14.08 2.90 -8.06
CA ALA A 169 -13.63 1.70 -7.36
C ALA A 169 -14.74 0.67 -7.18
N LEU A 170 -15.97 1.14 -7.00
CA LEU A 170 -17.09 0.23 -6.80
C LEU A 170 -17.53 -0.37 -8.14
N ARG A 171 -17.37 0.37 -9.24
CA ARG A 171 -17.70 -0.14 -10.56
C ARG A 171 -16.70 -1.20 -11.05
N ILE A 172 -15.43 -1.11 -10.65
CA ILE A 172 -14.40 -1.95 -11.28
C ILE A 172 -14.22 -3.32 -10.65
N GLY A 173 -14.97 -3.65 -9.61
CA GLY A 173 -14.90 -4.94 -8.97
C GLY A 173 -13.69 -5.13 -8.06
N ALA A 174 -13.32 -4.08 -7.34
CA ALA A 174 -12.21 -4.14 -6.40
C ALA A 174 -12.64 -4.97 -5.18
N ARG A 175 -11.69 -5.70 -4.60
N ARG A 175 -11.69 -5.64 -4.55
CA ARG A 175 -11.91 -6.53 -3.42
CA ARG A 175 -11.98 -6.42 -3.34
C ARG A 175 -11.16 -6.00 -2.17
C ARG A 175 -11.08 -6.05 -2.16
N PHE A 176 -10.25 -5.04 -2.36
CA PHE A 176 -9.26 -4.63 -1.37
C PHE A 176 -9.03 -3.16 -1.68
N ILE A 177 -9.50 -2.30 -0.79
CA ILE A 177 -9.50 -0.85 -1.05
C ILE A 177 -8.78 -0.12 0.09
N GLY A 178 -7.88 0.79 -0.29
CA GLY A 178 -7.21 1.68 0.65
C GLY A 178 -7.83 3.06 0.53
N ILE A 179 -8.22 3.62 1.67
CA ILE A 179 -8.90 4.93 1.71
C ILE A 179 -7.91 5.93 2.31
N ALA A 180 -7.39 6.81 1.45
CA ALA A 180 -6.31 7.73 1.79
C ALA A 180 -6.80 8.91 2.60
N ALA A 181 -6.02 9.28 3.59
CA ALA A 181 -6.24 10.46 4.42
C ALA A 181 -5.82 11.76 3.74
N ARG A 182 -4.74 11.70 2.97
CA ARG A 182 -4.16 12.89 2.36
C ARG A 182 -4.66 13.17 0.96
N ASP A 183 -4.97 14.43 0.70
CA ASP A 183 -5.33 14.86 -0.64
C ASP A 183 -4.10 14.77 -1.56
N TRP A 184 -4.25 14.25 -2.78
CA TRP A 184 -3.07 14.00 -3.62
C TRP A 184 -2.34 15.28 -4.01
N GLU A 185 -3.09 16.36 -4.17
CA GLU A 185 -2.51 17.61 -4.69
C GLU A 185 -1.98 18.51 -3.58
N THR A 186 -2.67 18.57 -2.45
CA THR A 186 -2.27 19.49 -1.40
C THR A 186 -1.60 18.80 -0.22
N GLY A 187 -1.81 17.49 -0.06
CA GLY A 187 -1.35 16.76 1.11
C GLY A 187 -2.20 16.91 2.35
N GLU A 188 -3.25 17.72 2.29
CA GLU A 188 -4.10 17.99 3.45
C GLU A 188 -4.80 16.73 3.89
N ILE A 189 -4.96 16.54 5.19
CA ILE A 189 -5.63 15.37 5.76
C ILE A 189 -7.05 15.73 6.09
N ASN A 190 -7.98 14.93 5.60
CA ASN A 190 -9.39 15.12 5.88
C ASN A 190 -9.99 13.82 6.35
N LYS A 191 -10.15 13.69 7.67
CA LYS A 191 -10.66 12.45 8.24
C LYS A 191 -12.15 12.31 8.12
N GLU A 192 -12.89 13.41 8.08
CA GLU A 192 -14.31 13.32 7.81
C GLU A 192 -14.55 12.67 6.43
N ASN A 193 -13.78 13.08 5.44
CA ASN A 193 -13.87 12.50 4.10
C ASN A 193 -13.47 11.02 4.11
N GLN A 194 -12.35 10.69 4.74
CA GLN A 194 -11.91 9.32 4.84
C GLN A 194 -12.98 8.44 5.47
N ARG A 195 -13.58 8.90 6.57
CA ARG A 195 -14.64 8.12 7.22
C ARG A 195 -15.90 7.98 6.37
N LYS A 196 -16.29 9.06 5.69
CA LYS A 196 -17.44 8.98 4.78
C LYS A 196 -17.21 7.94 3.71
N LEU A 197 -16.04 7.96 3.07
CA LEU A 197 -15.80 6.95 2.03
C LEU A 197 -15.80 5.54 2.60
N ILE A 198 -15.18 5.34 3.76
CA ILE A 198 -15.17 4.04 4.43
C ILE A 198 -16.61 3.53 4.62
N SER A 199 -17.50 4.42 5.07
CA SER A 199 -18.90 4.05 5.34
C SER A 199 -19.68 3.66 4.09
N MET A 200 -19.17 4.02 2.91
CA MET A 200 -19.82 3.75 1.65
C MET A 200 -19.37 2.48 0.95
N ILE A 201 -18.41 1.79 1.54
CA ILE A 201 -17.85 0.56 0.96
C ILE A 201 -18.49 -0.65 1.64
N PRO A 202 -18.98 -1.64 0.87
CA PRO A 202 -19.62 -2.80 1.47
C PRO A 202 -18.67 -3.58 2.37
N SER A 203 -19.23 -4.26 3.36
CA SER A 203 -18.39 -4.94 4.35
C SER A 203 -17.58 -6.11 3.78
N ASN A 204 -18.00 -6.69 2.65
CA ASN A 204 -17.22 -7.79 2.05
C ASN A 204 -15.90 -7.36 1.38
N VAL A 205 -15.73 -6.07 1.14
CA VAL A 205 -14.45 -5.53 0.69
C VAL A 205 -13.50 -5.43 1.87
N VAL A 206 -12.24 -5.84 1.71
CA VAL A 206 -11.23 -5.63 2.74
C VAL A 206 -10.80 -4.16 2.67
N LYS A 207 -11.04 -3.45 3.76
CA LYS A 207 -10.82 -2.00 3.85
C LYS A 207 -9.59 -1.65 4.66
N VAL A 208 -8.74 -0.82 4.06
CA VAL A 208 -7.53 -0.35 4.68
C VAL A 208 -7.58 1.17 4.84
N ALA A 209 -7.52 1.65 6.06
CA ALA A 209 -7.39 3.09 6.31
C ALA A 209 -5.94 3.45 6.04
N LYS A 210 -5.72 4.33 5.06
CA LYS A 210 -4.35 4.72 4.68
C LYS A 210 -4.00 6.07 5.29
N GLU A 211 -3.15 5.99 6.31
CA GLU A 211 -2.57 7.14 7.00
C GLU A 211 -3.61 7.99 7.78
N GLY A 212 -3.11 9.05 8.41
CA GLY A 212 -3.90 9.86 9.33
C GLY A 212 -4.02 9.23 10.71
N ILE A 213 -3.23 8.20 10.99
CA ILE A 213 -3.34 7.47 12.24
C ILE A 213 -2.07 7.63 13.07
N SER A 214 -2.21 8.02 14.32
CA SER A 214 -1.07 8.15 15.23
C SER A 214 -1.31 7.56 16.62
N GLU A 215 -2.51 7.08 16.89
CA GLU A 215 -2.89 6.64 18.24
C GLU A 215 -3.72 5.38 18.18
N ARG A 216 -3.54 4.53 19.18
CA ARG A 216 -4.31 3.31 19.29
C ARG A 216 -5.82 3.60 19.31
N ASN A 217 -6.20 4.71 19.94
CA ASN A 217 -7.63 5.03 20.02
C ASN A 217 -8.26 5.27 18.65
N GLU A 218 -7.49 5.79 17.69
CA GLU A 218 -7.98 6.00 16.35
C GLU A 218 -8.21 4.67 15.67
N ILE A 219 -7.28 3.74 15.89
CA ILE A 219 -7.42 2.42 15.35
C ILE A 219 -8.70 1.76 15.87
N GLU A 220 -8.94 1.88 17.18
CA GLU A 220 -10.14 1.30 17.77
C GLU A 220 -11.42 1.89 17.19
N GLU A 221 -11.44 3.21 16.98
CA GLU A 221 -12.61 3.85 16.40
C GLU A 221 -12.86 3.38 14.98
N LEU A 222 -11.78 3.32 14.21
CA LEU A 222 -11.89 2.90 12.82
C LEU A 222 -12.30 1.43 12.66
N ARG A 223 -11.75 0.58 13.54
CA ARG A 223 -12.09 -0.83 13.54
C ARG A 223 -13.60 -0.98 13.75
N LYS A 224 -14.16 -0.19 14.66
CA LYS A 224 -15.60 -0.24 14.94
C LYS A 224 -16.42 0.19 13.73
N LEU A 225 -15.86 1.05 12.89
CA LEU A 225 -16.52 1.49 11.67
C LEU A 225 -16.30 0.52 10.49
N GLY A 226 -15.64 -0.60 10.74
CA GLY A 226 -15.49 -1.64 9.73
C GLY A 226 -14.15 -1.68 9.01
N VAL A 227 -13.20 -0.84 9.39
CA VAL A 227 -11.88 -0.94 8.79
C VAL A 227 -11.20 -2.24 9.21
N ASN A 228 -10.59 -2.93 8.25
CA ASN A 228 -9.93 -4.21 8.51
C ASN A 228 -8.44 -4.13 8.85
N ALA A 229 -7.75 -3.14 8.29
CA ALA A 229 -6.31 -2.99 8.50
C ALA A 229 -5.93 -1.53 8.39
N PHE A 230 -4.74 -1.21 8.85
CA PHE A 230 -4.31 0.17 9.06
C PHE A 230 -2.92 0.38 8.49
N LEU A 231 -2.82 1.24 7.49
CA LEU A 231 -1.55 1.53 6.84
C LEU A 231 -1.02 2.82 7.46
N ILE A 232 0.05 2.72 8.24
CA ILE A 232 0.57 3.85 9.00
C ILE A 232 1.65 4.53 8.17
N GLY A 233 1.78 5.83 8.31
CA GLY A 233 2.80 6.57 7.62
C GLY A 233 4.16 6.59 8.29
N SER A 234 4.92 7.65 8.02
CA SER A 234 6.34 7.71 8.36
C SER A 234 6.67 7.78 9.85
N SER A 235 5.67 7.93 10.72
N SER A 235 5.66 7.90 10.71
CA SER A 235 5.96 7.86 12.14
CA SER A 235 5.89 7.80 12.15
C SER A 235 6.69 6.56 12.53
C SER A 235 6.71 6.57 12.50
N LEU A 236 6.40 5.45 11.83
CA LEU A 236 7.09 4.18 12.07
C LEU A 236 8.49 4.15 11.48
N MET A 237 8.74 4.93 10.43
CA MET A 237 10.11 5.03 9.90
C MET A 237 11.01 5.77 10.86
N ARG A 238 10.42 6.60 11.72
CA ARG A 238 11.18 7.30 12.74
C ARG A 238 11.33 6.52 14.03
N ASN A 239 10.22 5.98 14.51
CA ASN A 239 10.18 5.24 15.77
C ASN A 239 9.48 3.91 15.53
N PRO A 240 10.20 2.92 14.97
CA PRO A 240 9.60 1.62 14.65
C PRO A 240 8.85 0.97 15.83
N GLU A 241 9.37 1.10 17.04
CA GLU A 241 8.75 0.48 18.19
C GLU A 241 7.39 1.06 18.56
N LYS A 242 6.99 2.18 17.96
CA LYS A 242 5.64 2.68 18.11
C LYS A 242 4.62 1.63 17.68
N ILE A 243 4.96 0.75 16.75
CA ILE A 243 4.00 -0.25 16.29
C ILE A 243 3.50 -1.11 17.44
N LYS A 244 4.34 -1.34 18.43
CA LYS A 244 3.94 -2.17 19.58
C LYS A 244 2.77 -1.53 20.34
N GLU A 245 2.76 -0.21 20.43
CA GLU A 245 1.69 0.47 21.14
C GLU A 245 0.39 0.46 20.31
N LEU A 246 0.54 0.52 19.00
CA LEU A 246 -0.62 0.53 18.12
C LEU A 246 -1.35 -0.81 18.07
N ILE A 247 -0.63 -1.91 18.26
N ILE A 247 -0.65 -1.92 18.27
CA ILE A 247 -1.25 -3.23 18.17
CA ILE A 247 -1.26 -3.25 18.19
C ILE A 247 -2.02 -3.54 19.44
C ILE A 247 -1.78 -3.77 19.53
N GLU A 248 -1.59 -2.95 20.57
CA GLU A 248 -2.30 -3.03 21.87
C GLU A 248 -1.29 -2.79 23.00
#